data_2R79
#
_entry.id   2R79
#
_cell.length_a   132.913
_cell.length_b   132.913
_cell.length_c   72.930
_cell.angle_alpha   90.00
_cell.angle_beta   90.00
_cell.angle_gamma   120.00
#
_symmetry.space_group_name_H-M   'P 63 2 2'
#
loop_
_entity.id
_entity.type
_entity.pdbx_description
1 polymer 'Periplasmic binding protein'
2 non-polymer 'SULFATE ION'
3 non-polymer 'PROTOPORPHYRIN IX CONTAINING FE'
4 non-polymer GLYCEROL
5 water water
#
_entity_poly.entity_id   1
_entity_poly.type   'polypeptide(L)'
_entity_poly.pdbx_seq_one_letter_code
;LPQRWVSAGGSLSEWVVALGGESKLVGVDTTSQHPQALKQLPSVGYQRQLAAEGVLALRPDILIGTEEMGPPPVLKQLEG
AGVRVETLSAKPDLEALESNLKKLGDWLGVPQRAEAAELDYRQRLRRQADWIAAAQKSQPAPGVLLVIGNAGGQLLVAGR
NTGGDWVLNRAGARNLATHEGYKPISVEALAALDPVAVVIADRSLEGDAARAALLKQNPGLAPTRAARDGRLLVLDPTLL
VGGLGPRLPDGLAALSAAFYPSAKPLSTEAAHPLLGDDSTRTG
;
_entity_poly.pdbx_strand_id   A
#
loop_
_chem_comp.id
_chem_comp.type
_chem_comp.name
_chem_comp.formula
GOL non-polymer GLYCEROL 'C3 H8 O3'
HEM non-polymer 'PROTOPORPHYRIN IX CONTAINING FE' 'C34 H32 Fe N4 O4'
SO4 non-polymer 'SULFATE ION' 'O4 S -2'
#
# COMPACT_ATOMS: atom_id res chain seq x y z
N LEU A 1 -28.39 3.77 9.13
CA LEU A 1 -26.91 3.63 8.90
C LEU A 1 -26.38 2.31 9.44
N PRO A 2 -25.54 1.61 8.67
CA PRO A 2 -24.99 0.33 9.12
C PRO A 2 -24.25 0.43 10.45
N GLN A 3 -24.46 -0.54 11.33
CA GLN A 3 -23.82 -0.57 12.64
C GLN A 3 -22.71 -1.60 12.77
N ARG A 4 -22.85 -2.71 12.06
CA ARG A 4 -21.83 -3.75 12.10
C ARG A 4 -21.16 -3.86 10.74
N TRP A 5 -19.87 -3.52 10.70
CA TRP A 5 -19.09 -3.54 9.47
C TRP A 5 -18.01 -4.60 9.45
N VAL A 6 -17.83 -5.19 8.28
CA VAL A 6 -16.75 -6.16 8.07
C VAL A 6 -16.00 -5.53 6.90
N SER A 7 -14.68 -5.39 7.04
CA SER A 7 -13.91 -4.75 6.00
C SER A 7 -12.76 -5.58 5.43
N ALA A 8 -12.69 -5.61 4.11
CA ALA A 8 -11.65 -6.33 3.38
C ALA A 8 -10.82 -5.33 2.59
N GLY A 9 -9.53 -5.29 2.88
CA GLY A 9 -8.64 -4.35 2.21
C GLY A 9 -8.03 -3.40 3.22
N GLY A 10 -6.75 -3.61 3.54
CA GLY A 10 -6.06 -2.77 4.50
C GLY A 10 -6.40 -1.29 4.57
N SER A 11 -6.17 -0.57 3.48
CA SER A 11 -6.44 0.86 3.43
C SER A 11 -7.89 1.26 3.72
N LEU A 12 -8.85 0.44 3.29
CA LEU A 12 -10.25 0.75 3.56
C LEU A 12 -10.48 0.75 5.07
N SER A 13 -9.99 -0.29 5.74
CA SER A 13 -10.13 -0.42 7.18
C SER A 13 -9.51 0.76 7.90
N GLU A 14 -8.34 1.19 7.45
CA GLU A 14 -7.67 2.32 8.07
C GLU A 14 -8.55 3.56 7.97
N TRP A 15 -9.18 3.73 6.81
CA TRP A 15 -10.04 4.89 6.60
C TRP A 15 -11.25 4.88 7.52
N VAL A 16 -11.89 3.73 7.67
CA VAL A 16 -13.05 3.61 8.54
C VAL A 16 -12.63 4.06 9.94
N VAL A 17 -11.50 3.55 10.41
CA VAL A 17 -11.01 3.93 11.73
C VAL A 17 -10.70 5.43 11.77
N ALA A 18 -9.99 5.91 10.75
CA ALA A 18 -9.62 7.31 10.66
C ALA A 18 -10.82 8.24 10.74
N LEU A 19 -11.94 7.83 10.14
CA LEU A 19 -13.16 8.63 10.15
C LEU A 19 -13.98 8.44 11.43
N GLY A 20 -13.44 7.64 12.36
CA GLY A 20 -14.13 7.40 13.61
C GLY A 20 -15.04 6.18 13.67
N GLY A 21 -14.98 5.32 12.67
CA GLY A 21 -15.84 4.16 12.68
C GLY A 21 -15.26 2.88 13.25
N GLU A 22 -14.27 2.98 14.11
CA GLU A 22 -13.64 1.78 14.67
C GLU A 22 -14.59 0.89 15.46
N SER A 23 -15.48 1.49 16.26
CA SER A 23 -16.39 0.69 17.07
C SER A 23 -17.45 0.00 16.23
N LYS A 24 -17.54 0.35 14.95
CA LYS A 24 -18.52 -0.29 14.09
C LYS A 24 -17.95 -1.47 13.33
N LEU A 25 -16.63 -1.64 13.38
CA LEU A 25 -15.95 -2.75 12.70
C LEU A 25 -16.03 -4.01 13.56
N VAL A 26 -16.67 -5.06 13.05
CA VAL A 26 -16.77 -6.30 13.81
C VAL A 26 -15.86 -7.39 13.24
N GLY A 27 -15.28 -7.14 12.09
CA GLY A 27 -14.38 -8.11 11.48
C GLY A 27 -13.61 -7.54 10.31
N VAL A 28 -12.41 -8.06 10.09
CA VAL A 28 -11.57 -7.59 8.99
C VAL A 28 -10.76 -8.72 8.36
N ASP A 29 -10.26 -8.49 7.15
CA ASP A 29 -9.46 -9.48 6.45
C ASP A 29 -8.03 -9.38 6.98
N THR A 30 -7.20 -10.35 6.62
CA THR A 30 -5.82 -10.39 7.08
C THR A 30 -4.91 -9.22 6.69
N THR A 31 -5.25 -8.46 5.65
CA THR A 31 -4.40 -7.33 5.26
C THR A 31 -4.66 -6.09 6.10
N SER A 32 -5.66 -6.17 6.96
CA SER A 32 -6.01 -5.04 7.84
C SER A 32 -5.26 -5.17 9.15
N GLN A 33 -4.09 -4.54 9.22
CA GLN A 33 -3.24 -4.61 10.39
C GLN A 33 -2.96 -3.27 11.04
N HIS A 34 -3.68 -2.25 10.60
CA HIS A 34 -3.51 -0.92 11.15
C HIS A 34 -4.83 -0.21 11.27
N PRO A 35 -5.13 0.35 12.45
CA PRO A 35 -4.23 0.28 13.62
C PRO A 35 -4.06 -1.12 14.18
N GLN A 36 -3.06 -1.27 15.03
CA GLN A 36 -2.73 -2.53 15.67
C GLN A 36 -3.94 -3.29 16.25
N ALA A 37 -4.88 -2.56 16.84
CA ALA A 37 -6.07 -3.16 17.43
C ALA A 37 -6.89 -4.02 16.47
N LEU A 38 -6.88 -3.66 15.20
CA LEU A 38 -7.63 -4.40 14.19
C LEU A 38 -7.19 -5.86 14.09
N LYS A 39 -5.98 -6.16 14.55
CA LYS A 39 -5.47 -7.52 14.50
C LYS A 39 -6.15 -8.40 15.56
N GLN A 40 -6.77 -7.76 16.55
CA GLN A 40 -7.45 -8.50 17.61
C GLN A 40 -8.94 -8.73 17.33
N LEU A 41 -9.40 -8.30 16.17
CA LEU A 41 -10.81 -8.51 15.81
C LEU A 41 -10.94 -9.83 15.08
N PRO A 42 -12.18 -10.37 15.00
CA PRO A 42 -12.37 -11.64 14.30
C PRO A 42 -11.84 -11.54 12.87
N SER A 43 -11.28 -12.62 12.34
CA SER A 43 -10.74 -12.59 10.99
C SER A 43 -11.62 -13.29 9.97
N VAL A 44 -11.79 -12.66 8.81
CA VAL A 44 -12.60 -13.24 7.73
C VAL A 44 -11.71 -13.80 6.63
N GLY A 45 -10.41 -13.91 6.91
CA GLY A 45 -9.48 -14.44 5.94
C GLY A 45 -8.87 -13.40 5.03
N TYR A 46 -8.18 -13.85 3.99
CA TYR A 46 -7.54 -12.95 3.04
C TYR A 46 -8.64 -12.33 2.15
N GLN A 47 -8.45 -11.07 1.79
CA GLN A 47 -9.42 -10.35 0.97
C GLN A 47 -9.76 -11.02 -0.37
N ARG A 48 -8.75 -11.60 -1.03
CA ARG A 48 -8.97 -12.24 -2.31
C ARG A 48 -9.61 -13.63 -2.17
N GLN A 49 -9.66 -14.13 -0.94
CA GLN A 49 -10.24 -15.44 -0.67
C GLN A 49 -11.10 -15.44 0.61
N LEU A 50 -12.13 -14.61 0.60
CA LEU A 50 -13.02 -14.50 1.76
C LEU A 50 -13.74 -15.78 2.14
N ALA A 51 -13.97 -15.92 3.44
CA ALA A 51 -14.66 -17.07 4.00
C ALA A 51 -16.13 -16.68 4.17
N ALA A 52 -17.00 -17.20 3.31
CA ALA A 52 -18.42 -16.88 3.38
C ALA A 52 -18.95 -17.09 4.80
N GLU A 53 -18.84 -18.33 5.28
CA GLU A 53 -19.30 -18.68 6.62
C GLU A 53 -18.67 -17.76 7.67
N GLY A 54 -17.46 -17.28 7.39
CA GLY A 54 -16.78 -16.40 8.32
C GLY A 54 -17.43 -15.04 8.49
N VAL A 55 -17.90 -14.45 7.40
CA VAL A 55 -18.54 -13.14 7.48
C VAL A 55 -19.96 -13.25 8.02
N LEU A 56 -20.69 -14.27 7.57
CA LEU A 56 -22.06 -14.47 8.02
C LEU A 56 -22.15 -14.63 9.53
N ALA A 57 -21.15 -15.30 10.10
CA ALA A 57 -21.07 -15.55 11.53
C ALA A 57 -21.04 -14.27 12.35
N LEU A 58 -20.65 -13.17 11.72
CA LEU A 58 -20.55 -11.88 12.39
C LEU A 58 -21.81 -11.04 12.25
N ARG A 59 -22.83 -11.56 11.55
CA ARG A 59 -24.07 -10.82 11.38
C ARG A 59 -23.77 -9.38 10.94
N PRO A 60 -23.05 -9.21 9.82
CA PRO A 60 -22.71 -7.88 9.31
C PRO A 60 -23.84 -7.15 8.61
N ASP A 61 -23.91 -5.84 8.83
CA ASP A 61 -24.91 -5.02 8.19
C ASP A 61 -24.34 -4.60 6.84
N ILE A 62 -23.02 -4.59 6.74
CA ILE A 62 -22.36 -4.19 5.51
C ILE A 62 -20.98 -4.79 5.34
N LEU A 63 -20.66 -5.13 4.10
CA LEU A 63 -19.36 -5.68 3.77
C LEU A 63 -18.75 -4.74 2.74
N ILE A 64 -17.58 -4.19 3.03
CA ILE A 64 -16.93 -3.30 2.10
C ILE A 64 -15.60 -3.89 1.61
N GLY A 65 -15.26 -3.59 0.36
CA GLY A 65 -14.03 -4.08 -0.21
C GLY A 65 -13.82 -3.40 -1.55
N THR A 66 -12.73 -3.73 -2.24
CA THR A 66 -12.46 -3.15 -3.54
C THR A 66 -12.64 -4.22 -4.61
N GLU A 67 -12.10 -3.95 -5.80
CA GLU A 67 -12.19 -4.87 -6.92
C GLU A 67 -11.45 -6.16 -6.59
N GLU A 68 -10.34 -6.03 -5.85
CA GLU A 68 -9.53 -7.18 -5.48
C GLU A 68 -10.13 -8.06 -4.40
N MET A 69 -11.37 -7.77 -4.00
CA MET A 69 -12.05 -8.57 -3.00
C MET A 69 -12.79 -9.70 -3.71
N GLY A 70 -12.67 -10.92 -3.18
CA GLY A 70 -13.32 -12.06 -3.80
C GLY A 70 -13.12 -13.35 -3.04
N PRO A 71 -13.30 -14.51 -3.70
CA PRO A 71 -13.69 -14.65 -5.11
C PRO A 71 -15.12 -14.18 -5.39
N PRO A 72 -15.49 -14.10 -6.68
CA PRO A 72 -16.83 -13.67 -7.10
C PRO A 72 -17.99 -14.53 -6.59
N PRO A 73 -17.87 -15.86 -6.70
CA PRO A 73 -18.98 -16.71 -6.23
C PRO A 73 -19.30 -16.52 -4.75
N VAL A 74 -18.27 -16.34 -3.93
CA VAL A 74 -18.47 -16.15 -2.49
C VAL A 74 -19.18 -14.83 -2.21
N LEU A 75 -18.81 -13.78 -2.95
CA LEU A 75 -19.45 -12.47 -2.77
C LEU A 75 -20.93 -12.58 -3.17
N LYS A 76 -21.20 -13.37 -4.21
CA LYS A 76 -22.55 -13.57 -4.69
C LYS A 76 -23.44 -14.27 -3.66
N GLN A 77 -22.96 -15.40 -3.13
CA GLN A 77 -23.75 -16.12 -2.15
C GLN A 77 -23.98 -15.23 -0.93
N LEU A 78 -23.05 -14.32 -0.68
CA LEU A 78 -23.18 -13.40 0.45
C LEU A 78 -24.33 -12.44 0.20
N GLU A 79 -24.37 -11.89 -1.01
CA GLU A 79 -25.44 -10.96 -1.37
C GLU A 79 -26.76 -11.69 -1.28
N GLY A 80 -26.78 -12.94 -1.74
CA GLY A 80 -27.99 -13.73 -1.69
C GLY A 80 -28.45 -14.03 -0.28
N ALA A 81 -27.52 -13.92 0.67
CA ALA A 81 -27.82 -14.18 2.07
C ALA A 81 -28.31 -12.93 2.78
N GLY A 82 -28.52 -11.86 2.01
CA GLY A 82 -29.01 -10.62 2.59
C GLY A 82 -27.93 -9.63 3.01
N VAL A 83 -26.66 -10.01 2.88
CA VAL A 83 -25.57 -9.13 3.27
C VAL A 83 -25.36 -7.98 2.27
N ARG A 84 -25.31 -6.75 2.79
CA ARG A 84 -25.09 -5.59 1.95
C ARG A 84 -23.62 -5.51 1.57
N VAL A 85 -23.32 -5.76 0.30
CA VAL A 85 -21.94 -5.73 -0.19
C VAL A 85 -21.64 -4.49 -1.01
N GLU A 86 -20.70 -3.68 -0.52
CA GLU A 86 -20.31 -2.46 -1.22
C GLU A 86 -18.91 -2.63 -1.81
N THR A 87 -18.71 -2.08 -3.01
CA THR A 87 -17.41 -2.19 -3.65
C THR A 87 -16.84 -0.81 -3.91
N LEU A 88 -15.75 -0.49 -3.22
CA LEU A 88 -15.10 0.80 -3.40
C LEU A 88 -14.00 0.61 -4.43
N SER A 89 -13.27 1.68 -4.73
CA SER A 89 -12.21 1.62 -5.72
C SER A 89 -10.80 1.49 -5.18
N ALA A 90 -10.02 0.59 -5.76
CA ALA A 90 -8.64 0.38 -5.34
C ALA A 90 -7.70 1.11 -6.29
N LYS A 91 -8.25 1.81 -7.28
CA LYS A 91 -7.43 2.52 -8.24
C LYS A 91 -6.50 3.54 -7.56
N PRO A 92 -5.24 3.59 -8.01
CA PRO A 92 -4.18 4.46 -7.52
C PRO A 92 -4.28 5.93 -7.93
N ASP A 93 -5.35 6.61 -7.51
CA ASP A 93 -5.50 8.03 -7.82
C ASP A 93 -6.44 8.76 -6.87
N LEU A 94 -6.21 10.06 -6.71
CA LEU A 94 -7.00 10.89 -5.81
C LEU A 94 -8.49 10.91 -6.13
N GLU A 95 -8.83 10.77 -7.41
CA GLU A 95 -10.24 10.76 -7.78
C GLU A 95 -10.93 9.58 -7.10
N ALA A 96 -10.25 8.43 -7.10
CA ALA A 96 -10.80 7.24 -6.47
C ALA A 96 -10.87 7.42 -4.96
N LEU A 97 -9.80 7.95 -4.38
CA LEU A 97 -9.76 8.17 -2.94
C LEU A 97 -10.92 9.06 -2.53
N GLU A 98 -11.02 10.22 -3.17
CA GLU A 98 -12.07 11.19 -2.89
C GLU A 98 -13.46 10.61 -3.05
N SER A 99 -13.60 9.58 -3.89
CA SER A 99 -14.88 8.94 -4.09
C SER A 99 -15.12 7.92 -2.98
N ASN A 100 -14.07 7.24 -2.55
CA ASN A 100 -14.19 6.27 -1.48
C ASN A 100 -14.53 7.00 -0.18
N LEU A 101 -13.84 8.11 0.08
CA LEU A 101 -14.09 8.87 1.29
C LEU A 101 -15.52 9.41 1.32
N LYS A 102 -16.01 9.83 0.17
CA LYS A 102 -17.36 10.36 0.04
C LYS A 102 -18.35 9.31 0.53
N LYS A 103 -18.21 8.09 0.03
CA LYS A 103 -19.12 7.01 0.41
C LYS A 103 -18.98 6.62 1.89
N LEU A 104 -17.74 6.36 2.33
CA LEU A 104 -17.50 5.98 3.72
C LEU A 104 -18.09 7.04 4.65
N GLY A 105 -17.88 8.30 4.30
CA GLY A 105 -18.41 9.37 5.12
C GLY A 105 -19.91 9.26 5.25
N ASP A 106 -20.60 9.02 4.14
CA ASP A 106 -22.05 8.91 4.16
C ASP A 106 -22.56 7.71 4.94
N TRP A 107 -22.01 6.52 4.69
CA TRP A 107 -22.48 5.34 5.40
C TRP A 107 -22.13 5.40 6.89
N LEU A 108 -21.19 6.26 7.25
CA LEU A 108 -20.74 6.40 8.63
C LEU A 108 -21.45 7.57 9.33
N GLY A 109 -22.06 8.44 8.53
CA GLY A 109 -22.75 9.59 9.07
C GLY A 109 -21.87 10.76 9.45
N VAL A 110 -20.70 10.87 8.82
CA VAL A 110 -19.79 11.98 9.12
C VAL A 110 -19.23 12.59 7.84
N PRO A 111 -20.13 13.03 6.94
CA PRO A 111 -19.74 13.65 5.67
C PRO A 111 -18.71 14.78 5.79
N GLN A 112 -18.85 15.60 6.83
CA GLN A 112 -17.91 16.70 7.04
C GLN A 112 -16.51 16.18 7.36
N ARG A 113 -16.43 15.17 8.21
CA ARG A 113 -15.14 14.60 8.60
C ARG A 113 -14.44 14.00 7.38
N ALA A 114 -15.22 13.40 6.50
CA ALA A 114 -14.68 12.78 5.29
C ALA A 114 -14.09 13.85 4.39
N GLU A 115 -14.77 15.00 4.33
CA GLU A 115 -14.30 16.11 3.52
C GLU A 115 -13.00 16.65 4.10
N ALA A 116 -12.95 16.76 5.43
CA ALA A 116 -11.75 17.25 6.10
C ALA A 116 -10.59 16.28 5.85
N ALA A 117 -10.90 14.99 5.78
CA ALA A 117 -9.87 13.98 5.54
C ALA A 117 -9.29 14.14 4.14
N GLU A 118 -10.16 14.36 3.17
CA GLU A 118 -9.72 14.56 1.79
C GLU A 118 -8.85 15.81 1.72
N LEU A 119 -9.28 16.84 2.43
CA LEU A 119 -8.56 18.10 2.44
C LEU A 119 -7.16 17.97 3.06
N ASP A 120 -7.07 17.33 4.22
CA ASP A 120 -5.77 17.16 4.85
C ASP A 120 -4.84 16.31 3.99
N TYR A 121 -5.39 15.30 3.33
CA TYR A 121 -4.61 14.41 2.50
C TYR A 121 -3.96 15.17 1.34
N ARG A 122 -4.76 15.90 0.59
CA ARG A 122 -4.25 16.65 -0.56
C ARG A 122 -3.24 17.71 -0.12
N GLN A 123 -3.45 18.26 1.08
CA GLN A 123 -2.55 19.27 1.61
C GLN A 123 -1.20 18.63 1.88
N ARG A 124 -1.23 17.42 2.43
CA ARG A 124 -0.03 16.68 2.72
C ARG A 124 0.73 16.43 1.41
N LEU A 125 -0.01 16.02 0.38
CA LEU A 125 0.58 15.75 -0.92
C LEU A 125 1.15 16.99 -1.60
N ARG A 126 0.49 18.13 -1.42
CA ARG A 126 0.98 19.37 -2.02
C ARG A 126 2.30 19.75 -1.38
N ARG A 127 2.38 19.53 -0.08
CA ARG A 127 3.59 19.84 0.69
C ARG A 127 4.73 18.90 0.29
N GLN A 128 4.39 17.64 0.04
CA GLN A 128 5.37 16.64 -0.35
C GLN A 128 5.95 17.01 -1.72
N ALA A 129 5.09 17.46 -2.63
CA ALA A 129 5.51 17.85 -3.98
C ALA A 129 6.39 19.08 -3.98
N ASP A 130 6.11 20.03 -3.10
CA ASP A 130 6.92 21.25 -3.01
C ASP A 130 8.30 20.93 -2.45
N TRP A 131 8.36 20.00 -1.50
CA TRP A 131 9.62 19.61 -0.89
C TRP A 131 10.48 18.95 -1.97
N ILE A 132 9.85 18.11 -2.79
CA ILE A 132 10.56 17.43 -3.86
C ILE A 132 11.10 18.43 -4.88
N ALA A 133 10.27 19.41 -5.26
CA ALA A 133 10.69 20.41 -6.23
C ALA A 133 11.97 21.11 -5.75
N ALA A 134 12.00 21.45 -4.48
CA ALA A 134 13.17 22.12 -3.92
C ALA A 134 14.37 21.17 -3.87
N ALA A 135 14.12 19.90 -3.58
CA ALA A 135 15.18 18.90 -3.48
C ALA A 135 15.80 18.59 -4.84
N GLN A 136 15.02 18.71 -5.90
CA GLN A 136 15.52 18.42 -7.23
C GLN A 136 16.40 19.53 -7.81
N LYS A 137 16.61 20.58 -7.03
CA LYS A 137 17.45 21.68 -7.47
C LYS A 137 18.91 21.29 -7.34
N SER A 138 19.22 20.41 -6.39
CA SER A 138 20.59 19.96 -6.20
C SER A 138 20.79 18.49 -6.60
N GLN A 139 19.71 17.79 -6.95
CA GLN A 139 19.78 16.39 -7.35
C GLN A 139 18.62 15.97 -8.25
N PRO A 140 18.91 15.29 -9.35
CA PRO A 140 17.87 14.84 -10.28
C PRO A 140 17.12 13.61 -9.75
N ALA A 141 15.88 13.44 -10.19
CA ALA A 141 15.06 12.32 -9.77
C ALA A 141 15.73 10.98 -10.08
N PRO A 142 15.84 10.09 -9.08
CA PRO A 142 16.48 8.79 -9.30
C PRO A 142 15.57 7.73 -9.95
N GLY A 143 16.16 6.87 -10.78
CA GLY A 143 15.41 5.79 -11.39
C GLY A 143 15.29 4.68 -10.35
N VAL A 144 14.07 4.23 -10.08
CA VAL A 144 13.85 3.22 -9.05
C VAL A 144 12.89 2.11 -9.46
N LEU A 145 12.96 0.98 -8.77
CA LEU A 145 12.07 -0.14 -9.02
C LEU A 145 11.39 -0.50 -7.71
N LEU A 146 10.12 -0.87 -7.78
CA LEU A 146 9.33 -1.29 -6.61
C LEU A 146 8.92 -2.73 -6.90
N VAL A 147 9.27 -3.65 -6.02
CA VAL A 147 8.91 -5.05 -6.24
C VAL A 147 8.11 -5.64 -5.08
N ILE A 148 7.14 -6.49 -5.41
CA ILE A 148 6.35 -7.16 -4.40
C ILE A 148 6.90 -8.56 -4.29
N GLY A 149 7.29 -8.96 -3.08
CA GLY A 149 7.85 -10.29 -2.91
C GLY A 149 7.08 -11.18 -1.95
N ASN A 150 7.41 -12.46 -1.98
CA ASN A 150 6.81 -13.48 -1.14
C ASN A 150 8.00 -14.24 -0.56
N ALA A 151 8.47 -13.80 0.60
CA ALA A 151 9.62 -14.42 1.21
C ALA A 151 10.76 -14.32 0.20
N GLY A 152 10.82 -13.16 -0.46
CA GLY A 152 11.86 -12.90 -1.44
C GLY A 152 11.70 -13.54 -2.80
N GLY A 153 10.66 -14.35 -2.98
CA GLY A 153 10.47 -14.98 -4.27
C GLY A 153 9.22 -14.50 -4.97
N GLN A 154 8.92 -15.11 -6.12
CA GLN A 154 7.73 -14.76 -6.89
C GLN A 154 7.58 -13.27 -7.08
N LEU A 155 8.69 -12.61 -7.41
CA LEU A 155 8.71 -11.17 -7.60
C LEU A 155 7.76 -10.59 -8.63
N LEU A 156 7.02 -9.56 -8.22
CA LEU A 156 6.12 -8.86 -9.10
C LEU A 156 6.63 -7.42 -9.14
N VAL A 157 6.87 -6.89 -10.34
CA VAL A 157 7.36 -5.53 -10.48
C VAL A 157 6.20 -4.59 -10.69
N ALA A 158 6.19 -3.48 -9.95
CA ALA A 158 5.12 -2.49 -10.07
C ALA A 158 5.29 -1.63 -11.31
N GLY A 159 4.40 -1.83 -12.27
CA GLY A 159 4.46 -1.05 -13.49
C GLY A 159 3.53 0.13 -13.38
N ARG A 160 3.21 0.72 -14.52
CA ARG A 160 2.33 1.87 -14.59
C ARG A 160 0.92 1.55 -14.10
N ASN A 161 0.28 2.53 -13.48
CA ASN A 161 -1.08 2.38 -12.97
C ASN A 161 -1.25 1.39 -11.81
N THR A 162 -0.31 1.42 -10.88
CA THR A 162 -0.36 0.56 -9.70
C THR A 162 -0.09 1.45 -8.51
N GLY A 163 -0.45 0.98 -7.32
CA GLY A 163 -0.20 1.76 -6.12
C GLY A 163 1.30 1.94 -5.95
N GLY A 164 2.08 0.94 -6.33
CA GLY A 164 3.51 1.03 -6.21
C GLY A 164 4.08 2.16 -7.08
N ASP A 165 3.56 2.29 -8.29
CA ASP A 165 4.00 3.34 -9.22
C ASP A 165 3.62 4.72 -8.67
N TRP A 166 2.41 4.81 -8.14
CA TRP A 166 1.90 6.05 -7.57
C TRP A 166 2.83 6.48 -6.43
N VAL A 167 3.19 5.52 -5.58
CA VAL A 167 4.07 5.80 -4.46
C VAL A 167 5.47 6.23 -4.90
N LEU A 168 6.01 5.61 -5.95
CA LEU A 168 7.33 5.99 -6.41
C LEU A 168 7.30 7.39 -6.98
N ASN A 169 6.29 7.69 -7.78
CA ASN A 169 6.18 9.02 -8.38
C ASN A 169 5.97 10.09 -7.34
N ARG A 170 5.04 9.87 -6.42
CA ARG A 170 4.76 10.85 -5.39
C ARG A 170 5.93 11.07 -4.45
N ALA A 171 6.85 10.11 -4.39
CA ALA A 171 8.03 10.26 -3.52
C ALA A 171 9.21 10.88 -4.26
N GLY A 172 9.00 11.28 -5.51
CA GLY A 172 10.06 11.91 -6.26
C GLY A 172 10.97 11.03 -7.10
N ALA A 173 10.60 9.77 -7.30
CA ALA A 173 11.44 8.86 -8.10
C ALA A 173 10.84 8.62 -9.47
N ARG A 174 11.63 8.02 -10.36
CA ARG A 174 11.19 7.68 -11.72
C ARG A 174 11.07 6.16 -11.76
N ASN A 175 9.85 5.67 -12.01
CA ASN A 175 9.65 4.23 -12.08
C ASN A 175 10.32 3.75 -13.38
N LEU A 176 11.30 2.87 -13.24
CA LEU A 176 12.04 2.33 -14.38
C LEU A 176 11.26 1.31 -15.21
N ALA A 177 10.20 0.77 -14.62
CA ALA A 177 9.37 -0.23 -15.30
C ALA A 177 8.42 0.47 -16.25
N THR A 178 8.31 -0.02 -17.48
CA THR A 178 7.41 0.61 -18.45
C THR A 178 6.17 -0.21 -18.72
N HIS A 179 6.08 -1.41 -18.18
CA HIS A 179 4.89 -2.23 -18.39
C HIS A 179 3.72 -1.70 -17.57
N GLU A 180 2.56 -2.32 -17.76
CA GLU A 180 1.32 -1.97 -17.08
C GLU A 180 1.02 -3.01 -15.99
N GLY A 181 0.60 -2.54 -14.82
CA GLY A 181 0.26 -3.43 -13.72
C GLY A 181 1.43 -4.10 -13.03
N TYR A 182 1.13 -5.13 -12.24
CA TYR A 182 2.16 -5.88 -11.54
C TYR A 182 2.48 -7.11 -12.38
N LYS A 183 3.73 -7.24 -12.81
CA LYS A 183 4.10 -8.38 -13.62
C LYS A 183 5.46 -8.94 -13.27
N PRO A 184 5.66 -10.25 -13.48
CA PRO A 184 6.94 -10.87 -13.17
C PRO A 184 7.93 -10.51 -14.28
N ILE A 185 9.18 -10.28 -13.91
CA ILE A 185 10.20 -9.95 -14.88
C ILE A 185 11.47 -10.68 -14.49
N SER A 186 12.22 -11.14 -15.48
CA SER A 186 13.47 -11.85 -15.23
C SER A 186 14.45 -10.93 -14.50
N VAL A 187 15.19 -11.49 -13.55
CA VAL A 187 16.17 -10.72 -12.79
C VAL A 187 17.20 -10.11 -13.73
N GLU A 188 17.45 -10.80 -14.85
CA GLU A 188 18.40 -10.34 -15.85
C GLU A 188 18.04 -8.94 -16.34
N ALA A 189 16.76 -8.75 -16.66
CA ALA A 189 16.28 -7.46 -17.13
C ALA A 189 16.36 -6.45 -15.99
N LEU A 190 15.87 -6.86 -14.82
CA LEU A 190 15.88 -6.01 -13.64
C LEU A 190 17.28 -5.50 -13.31
N ALA A 191 18.26 -6.37 -13.38
CA ALA A 191 19.64 -5.95 -13.08
C ALA A 191 20.14 -4.99 -14.15
N ALA A 192 19.73 -5.23 -15.39
CA ALA A 192 20.14 -4.38 -16.49
C ALA A 192 19.63 -2.96 -16.28
N LEU A 193 18.43 -2.85 -15.72
CA LEU A 193 17.84 -1.54 -15.44
C LEU A 193 18.70 -0.74 -14.47
N ASP A 194 19.50 -1.44 -13.68
CA ASP A 194 20.42 -0.84 -12.73
C ASP A 194 19.83 0.31 -11.91
N PRO A 195 18.82 0.01 -11.07
CA PRO A 195 18.16 1.01 -10.23
C PRO A 195 19.09 1.62 -9.21
N VAL A 196 18.88 2.89 -8.90
CA VAL A 196 19.67 3.59 -7.90
C VAL A 196 19.22 3.05 -6.54
N ALA A 197 17.96 2.63 -6.48
CA ALA A 197 17.38 2.08 -5.26
C ALA A 197 16.27 1.13 -5.63
N VAL A 198 16.05 0.14 -4.79
CA VAL A 198 15.00 -0.83 -5.03
C VAL A 198 14.10 -0.86 -3.80
N VAL A 199 12.80 -0.75 -4.00
CA VAL A 199 11.85 -0.79 -2.90
C VAL A 199 11.22 -2.18 -2.86
N ILE A 200 11.31 -2.85 -1.73
CA ILE A 200 10.79 -4.20 -1.57
C ILE A 200 9.61 -4.26 -0.61
N ALA A 201 8.50 -4.79 -1.08
CA ALA A 201 7.32 -4.95 -0.25
C ALA A 201 7.15 -6.45 -0.18
N ASP A 202 7.56 -7.04 0.94
CA ASP A 202 7.46 -8.48 1.09
C ASP A 202 6.29 -8.85 1.99
N ARG A 203 5.51 -9.83 1.54
CA ARG A 203 4.35 -10.30 2.29
C ARG A 203 4.71 -11.05 3.57
N SER A 204 5.84 -11.76 3.56
CA SER A 204 6.25 -12.57 4.71
C SER A 204 7.46 -12.08 5.51
N LEU A 205 8.40 -11.40 4.86
CA LEU A 205 9.61 -10.95 5.51
C LEU A 205 9.73 -9.44 5.71
N GLU A 206 10.60 -9.06 6.64
CA GLU A 206 10.83 -7.66 6.95
C GLU A 206 12.33 -7.40 7.15
N GLY A 207 12.73 -6.12 7.16
CA GLY A 207 14.12 -5.75 7.37
C GLY A 207 15.18 -6.56 6.62
N ASP A 208 16.26 -6.86 7.32
CA ASP A 208 17.37 -7.61 6.75
C ASP A 208 17.00 -9.00 6.26
N ALA A 209 15.99 -9.59 6.87
CA ALA A 209 15.54 -10.91 6.46
C ALA A 209 14.98 -10.79 5.04
N ALA A 210 14.22 -9.72 4.81
CA ALA A 210 13.66 -9.48 3.51
C ALA A 210 14.79 -9.27 2.50
N ARG A 211 15.81 -8.51 2.89
CA ARG A 211 16.93 -8.24 2.00
C ARG A 211 17.68 -9.50 1.64
N ALA A 212 17.98 -10.29 2.67
CA ALA A 212 18.72 -11.54 2.48
C ALA A 212 17.97 -12.49 1.57
N ALA A 213 16.67 -12.64 1.81
CA ALA A 213 15.87 -13.54 0.98
C ALA A 213 15.86 -13.04 -0.47
N LEU A 214 15.74 -11.74 -0.64
CA LEU A 214 15.70 -11.16 -1.96
C LEU A 214 16.98 -11.50 -2.74
N LEU A 215 18.12 -11.36 -2.09
CA LEU A 215 19.39 -11.64 -2.72
C LEU A 215 19.62 -13.11 -2.97
N LYS A 216 19.13 -13.95 -2.07
CA LYS A 216 19.27 -15.39 -2.22
C LYS A 216 18.58 -15.86 -3.49
N GLN A 217 17.33 -15.43 -3.66
CA GLN A 217 16.55 -15.83 -4.80
C GLN A 217 16.75 -15.01 -6.07
N ASN A 218 17.45 -13.90 -5.97
CA ASN A 218 17.70 -13.04 -7.13
C ASN A 218 19.12 -12.46 -7.05
N PRO A 219 20.13 -13.33 -7.08
CA PRO A 219 21.56 -12.97 -7.00
C PRO A 219 21.95 -11.84 -7.95
N GLY A 220 21.28 -11.78 -9.09
CA GLY A 220 21.59 -10.74 -10.06
C GLY A 220 21.40 -9.32 -9.56
N LEU A 221 20.63 -9.12 -8.50
CA LEU A 221 20.41 -7.77 -7.98
C LEU A 221 21.60 -7.23 -7.20
N ALA A 222 22.48 -8.12 -6.78
CA ALA A 222 23.66 -7.72 -6.02
C ALA A 222 24.58 -6.75 -6.77
N PRO A 223 24.58 -6.81 -8.12
CA PRO A 223 25.45 -5.89 -8.87
C PRO A 223 24.80 -4.57 -9.25
N THR A 224 23.61 -4.32 -8.73
CA THR A 224 22.92 -3.06 -9.03
C THR A 224 23.45 -1.97 -8.11
N ARG A 225 23.33 -0.72 -8.53
CA ARG A 225 23.79 0.38 -7.70
C ARG A 225 23.03 0.34 -6.37
N ALA A 226 21.75 -0.07 -6.44
CA ALA A 226 20.91 -0.17 -5.26
C ALA A 226 21.55 -1.04 -4.19
N ALA A 227 21.97 -2.24 -4.56
CA ALA A 227 22.61 -3.16 -3.62
C ALA A 227 23.96 -2.62 -3.16
N ARG A 228 24.73 -2.08 -4.10
CA ARG A 228 26.05 -1.54 -3.81
C ARG A 228 26.03 -0.38 -2.81
N ASP A 229 25.08 0.53 -2.97
CA ASP A 229 25.01 1.68 -2.08
C ASP A 229 24.12 1.46 -0.85
N GLY A 230 23.73 0.22 -0.59
CA GLY A 230 22.88 -0.05 0.56
C GLY A 230 21.53 0.62 0.45
N ARG A 231 20.89 0.47 -0.70
CA ARG A 231 19.58 1.07 -0.92
C ARG A 231 18.47 0.11 -1.32
N LEU A 232 18.42 -1.03 -0.64
CA LEU A 232 17.36 -1.99 -0.83
C LEU A 232 16.43 -1.61 0.32
N LEU A 233 15.44 -0.79 0.02
CA LEU A 233 14.50 -0.31 1.02
C LEU A 233 13.30 -1.23 1.21
N VAL A 234 12.99 -1.55 2.45
CA VAL A 234 11.88 -2.43 2.74
C VAL A 234 10.68 -1.63 3.14
N LEU A 235 9.60 -1.79 2.39
CA LEU A 235 8.37 -1.06 2.63
C LEU A 235 7.27 -1.96 3.19
N ASP A 236 6.45 -1.39 4.07
CA ASP A 236 5.33 -2.09 4.66
C ASP A 236 4.37 -2.45 3.53
N PRO A 237 4.21 -3.74 3.24
CA PRO A 237 3.31 -4.16 2.16
C PRO A 237 1.84 -3.73 2.27
N THR A 238 1.34 -3.57 3.51
CA THR A 238 -0.05 -3.17 3.71
C THR A 238 -0.32 -1.77 3.14
N LEU A 239 0.74 -1.02 2.93
CA LEU A 239 0.60 0.33 2.37
C LEU A 239 0.10 0.28 0.93
N LEU A 240 0.15 -0.90 0.31
CA LEU A 240 -0.25 -1.08 -1.09
C LEU A 240 -1.55 -1.88 -1.32
N VAL A 241 -2.25 -2.23 -0.25
CA VAL A 241 -3.48 -3.00 -0.39
C VAL A 241 -4.73 -2.16 -0.12
N GLY A 242 -5.78 -2.40 -0.89
CA GLY A 242 -7.03 -1.68 -0.71
C GLY A 242 -7.09 -0.21 -1.08
N GLY A 243 -6.35 0.20 -2.11
CA GLY A 243 -6.38 1.60 -2.52
C GLY A 243 -5.50 2.50 -1.66
N LEU A 244 -5.52 3.78 -1.97
CA LEU A 244 -4.73 4.78 -1.26
C LEU A 244 -5.15 4.91 0.20
N GLY A 245 -4.21 4.64 1.11
CA GLY A 245 -4.50 4.71 2.53
C GLY A 245 -3.98 5.94 3.26
N PRO A 246 -4.48 6.20 4.48
CA PRO A 246 -4.09 7.35 5.31
C PRO A 246 -2.64 7.42 5.75
N ARG A 247 -1.92 6.32 5.68
CA ARG A 247 -0.52 6.31 6.10
C ARG A 247 0.46 6.62 4.97
N LEU A 248 -0.02 6.68 3.73
CA LEU A 248 0.86 6.95 2.60
C LEU A 248 1.64 8.25 2.74
N PRO A 249 1.00 9.33 3.22
CA PRO A 249 1.77 10.57 3.36
C PRO A 249 3.02 10.40 4.22
N ASP A 250 2.90 9.69 5.34
CA ASP A 250 4.07 9.46 6.19
C ASP A 250 5.05 8.57 5.44
N GLY A 251 4.50 7.64 4.66
CA GLY A 251 5.31 6.73 3.89
C GLY A 251 6.11 7.48 2.82
N LEU A 252 5.46 8.44 2.17
CA LEU A 252 6.12 9.24 1.15
C LEU A 252 7.26 10.07 1.73
N ALA A 253 7.08 10.55 2.97
CA ALA A 253 8.11 11.36 3.61
C ALA A 253 9.37 10.57 3.84
N ALA A 254 9.21 9.32 4.26
CA ALA A 254 10.34 8.46 4.51
C ALA A 254 11.04 8.10 3.19
N LEU A 255 10.27 7.69 2.19
CA LEU A 255 10.85 7.33 0.90
C LEU A 255 11.57 8.50 0.22
N SER A 256 10.92 9.66 0.17
CA SER A 256 11.54 10.82 -0.48
C SER A 256 12.82 11.23 0.23
N ALA A 257 12.88 11.00 1.54
CA ALA A 257 14.09 11.33 2.30
C ALA A 257 15.21 10.39 1.87
N ALA A 258 14.87 9.13 1.62
CA ALA A 258 15.84 8.13 1.18
C ALA A 258 16.25 8.39 -0.29
N PHE A 259 15.32 8.91 -1.08
CA PHE A 259 15.56 9.21 -2.49
C PHE A 259 16.40 10.48 -2.70
N TYR A 260 16.31 11.42 -1.77
CA TYR A 260 17.07 12.68 -1.84
C TYR A 260 17.77 12.84 -0.50
N PRO A 261 18.79 12.02 -0.23
CA PRO A 261 19.54 12.05 1.03
C PRO A 261 20.21 13.38 1.39
N SER A 262 20.41 14.24 0.39
CA SER A 262 21.05 15.54 0.62
C SER A 262 20.05 16.65 0.87
N ALA A 263 18.86 16.30 1.32
CA ALA A 263 17.85 17.30 1.61
C ALA A 263 17.38 17.04 3.03
N LYS A 264 17.06 18.10 3.77
CA LYS A 264 16.57 17.93 5.13
C LYS A 264 15.21 17.25 4.97
N PRO A 265 15.04 16.06 5.56
CA PRO A 265 13.77 15.33 5.45
C PRO A 265 12.54 16.02 6.02
N LEU A 266 11.37 15.55 5.62
CA LEU A 266 10.11 16.11 6.10
C LEU A 266 9.80 15.56 7.49
N SER A 267 8.97 16.29 8.23
CA SER A 267 8.59 15.91 9.58
C SER A 267 7.69 14.68 9.62
N THR A 268 8.14 13.63 10.31
CA THR A 268 7.40 12.38 10.44
C THR A 268 7.10 11.76 9.08
N PRO A 273 9.00 3.03 10.83
CA PRO A 273 8.57 1.63 10.97
C PRO A 273 8.03 1.07 9.66
N LEU A 274 7.52 1.95 8.80
CA LEU A 274 6.98 1.53 7.52
C LEU A 274 8.03 1.50 6.41
N LEU A 275 9.27 1.83 6.76
CA LEU A 275 10.38 1.82 5.81
C LEU A 275 11.70 1.45 6.49
N GLY A 276 12.18 0.24 6.24
CA GLY A 276 13.43 -0.20 6.82
C GLY A 276 14.59 0.13 5.90
N ASP A 277 15.64 0.72 6.46
CA ASP A 277 16.82 1.09 5.69
C ASP A 277 17.90 0.01 5.62
N ASP A 278 18.71 0.08 4.58
CA ASP A 278 19.78 -0.88 4.33
C ASP A 278 21.10 -0.40 4.93
N SER A 279 21.82 -1.30 5.60
CA SER A 279 23.10 -0.94 6.20
C SER A 279 24.28 -1.71 5.61
N THR A 280 24.00 -2.57 4.65
CA THR A 280 25.06 -3.38 4.02
C THR A 280 25.50 -2.80 2.68
N ARG A 281 26.73 -3.14 2.27
CA ARG A 281 27.28 -2.64 1.01
C ARG A 281 27.91 -3.75 0.18
N THR A 282 28.46 -3.39 -0.97
CA THR A 282 29.12 -4.33 -1.88
C THR A 282 30.43 -3.76 -2.43
N GLY A 283 30.37 -2.52 -2.90
CA GLY A 283 31.57 -1.89 -3.46
C GLY A 283 31.92 -2.40 -4.84
S SO4 B . 2.33 -5.22 -20.53
O1 SO4 B . 3.80 -5.08 -20.70
O2 SO4 B . 1.39 -5.96 -21.42
O3 SO4 B . 1.91 -5.00 -19.10
O4 SO4 B . 2.62 -6.62 -20.07
S SO4 C . -3.33 11.02 -9.21
O1 SO4 C . -4.64 11.59 -9.68
O2 SO4 C . -2.86 9.90 -10.09
O3 SO4 C . -2.35 12.15 -9.21
O4 SO4 C . -3.43 10.52 -7.80
CHA HEM D . -2.06 -14.15 -3.21
CHB HEM D . -1.44 -12.62 1.43
CHC HEM D . -0.25 -8.20 -0.21
CHD HEM D . -0.94 -9.67 -4.81
C1A HEM D . -2.01 -14.13 -1.79
C2A HEM D . -2.22 -15.27 -0.90
C3A HEM D . -2.07 -14.83 0.38
C4A HEM D . -1.73 -13.42 0.30
CMA HEM D . -2.28 -15.62 1.67
CAA HEM D . -2.52 -16.72 -1.27
CBA HEM D . -1.28 -17.57 -1.54
CGA HEM D . -0.57 -17.18 -2.83
O1A HEM D . -1.15 -17.39 -3.93
O2A HEM D . 0.57 -16.64 -2.76
C1B HEM D . -1.14 -11.25 1.40
C2B HEM D . -0.83 -10.44 2.56
C3B HEM D . -0.48 -9.19 2.11
C4B HEM D . -0.60 -9.25 0.66
CMB HEM D . -0.95 -10.87 4.04
CAB HEM D . -0.13 -8.07 2.85
CBB HEM D . 0.72 -8.08 3.92
C1C HEM D . -0.34 -8.23 -1.61
C2C HEM D . 0.07 -7.14 -2.47
C3C HEM D . -0.06 -7.54 -3.75
C4C HEM D . -0.66 -8.87 -3.68
CMC HEM D . 0.55 -5.77 -2.03
CAC HEM D . 0.47 -6.90 -4.87
CBC HEM D . -0.25 -6.16 -5.73
C1D HEM D . -1.34 -11.00 -4.77
C2D HEM D . -1.53 -11.80 -5.95
C3D HEM D . -1.88 -13.04 -5.52
C4D HEM D . -1.84 -13.03 -4.06
CMD HEM D . -1.39 -11.35 -7.40
CAD HEM D . -2.35 -14.12 -6.49
CBD HEM D . -3.81 -14.55 -6.40
CGD HEM D . -4.80 -13.44 -6.78
O1D HEM D . -6.02 -13.71 -6.76
O2D HEM D . -4.37 -12.31 -7.11
NA HEM D . -1.73 -12.99 -1.02
NB HEM D . -1.05 -10.50 0.22
NC HEM D . -0.80 -9.30 -2.36
ND HEM D . -1.54 -11.75 -3.60
FE HEM D . -1.46 -11.10 -1.69
C1 GOL E . -0.52 3.07 12.72
O1 GOL E . -1.81 2.64 12.36
C2 GOL E . 0.08 2.23 13.85
O2 GOL E . 1.21 1.50 13.37
C3 GOL E . -0.97 1.25 14.39
O3 GOL E . -0.43 0.45 15.42
C1 GOL F . 27.70 6.05 -11.88
O1 GOL F . 26.53 6.84 -11.79
C2 GOL F . 27.45 4.64 -11.36
O2 GOL F . 27.64 4.62 -9.93
C3 GOL F . 28.41 3.66 -12.02
O3 GOL F . 28.12 2.31 -11.65
#